data_3DJJ
#
_entry.id   3DJJ
#
_cell.length_a   119.672
_cell.length_b   62.358
_cell.length_c   84.161
_cell.angle_alpha   90.00
_cell.angle_beta   122.29
_cell.angle_gamma   90.00
#
_symmetry.space_group_name_H-M   'C 1 2 1'
#
loop_
_entity.id
_entity.type
_entity.pdbx_description
1 polymer 'Glutathione reductase, mitochondrial precursor'
2 non-polymer 'PHOSPHATE ION'
3 non-polymer 'SULFATE ION'
4 non-polymer 'FLAVIN-ADENINE DINUCLEOTIDE'
5 non-polymer 'NADPH DIHYDRO-NICOTINAMIDE-ADENINE-DINUCLEOTIDE PHOSPHATE'
6 non-polymer GLYCEROL
7 water water
#
_entity_poly.entity_id   1
_entity_poly.type   'polypeptide(L)'
_entity_poly.pdbx_seq_one_letter_code
;ACRQEPQPQGPPPAAGAVASYDYLVIGGGSGGLASARRAAELGARAAVVESHKLGGTCVNVGCVPKKVMWNTAVHSEFMH
DHADYGFPSCEGKFNWRVIKEKRDAYVSRLNAIYQNNLTKSHIEIIRGHAAFTSDPKPTIEVSGKKYTAPHILIATGGMP
STPHESQIPGASLGITSDGFFQLEELPGRSVIVGAGYIAVEMAGILSALGSKTSLMIRHDKVLRSFDSMISTNCTEELEN
AGVEVLKFSQVKEVKKTLSGLEVSMVTAVPGRLPVMTMIPDVDCLLWAIGRVPNTKDLSLNKLGIQTDDKGHIIVDEFQN
TNVKGIYAVGDVCGKALLTPVAIAAGRKLAHRLFEYKEDSKLDYNNIPTVVFSHPPIGTVGLTEDEAIHKYGIENVKTYS
TSFTPMYHAVTKRKTKCVMKMVCANKEEKVVGIHMQGLGCDEMLQGFAVAVKMGATKADFDNTVAIHPTSSEELVTLR
;
_entity_poly.pdbx_strand_id   A
#
# COMPACT_ATOMS: atom_id res chain seq x y z
N ALA A 17 -36.12 15.64 -13.01
CA ALA A 17 -36.57 14.61 -12.08
C ALA A 17 -35.46 14.06 -11.21
N VAL A 18 -35.63 13.98 -9.90
CA VAL A 18 -34.60 13.63 -8.97
C VAL A 18 -35.04 12.49 -7.99
N ALA A 19 -34.29 11.41 -8.07
CA ALA A 19 -34.48 10.25 -7.27
C ALA A 19 -33.81 10.48 -5.92
N SER A 20 -34.51 10.16 -4.85
CA SER A 20 -34.04 10.35 -3.47
C SER A 20 -33.72 9.04 -2.78
N TYR A 21 -32.63 9.03 -2.04
CA TYR A 21 -32.11 7.95 -1.25
C TYR A 21 -31.79 8.41 0.17
N ASP A 22 -31.62 7.51 1.12
CA ASP A 22 -31.04 7.91 2.38
C ASP A 22 -29.56 8.20 2.34
N TYR A 23 -28.88 7.45 1.43
CA TYR A 23 -27.42 7.44 1.38
C TYR A 23 -26.96 7.29 -0.07
N LEU A 24 -26.18 8.22 -0.56
CA LEU A 24 -25.56 8.15 -1.86
C LEU A 24 -24.06 8.07 -1.66
N VAL A 25 -23.43 7.09 -2.24
CA VAL A 25 -21.99 6.83 -2.11
C VAL A 25 -21.37 6.99 -3.49
N ILE A 26 -20.41 7.92 -3.59
CA ILE A 26 -19.70 8.14 -4.82
C ILE A 26 -18.38 7.38 -4.76
N GLY A 27 -18.28 6.27 -5.53
CA GLY A 27 -17.14 5.41 -5.61
C GLY A 27 -17.40 4.04 -4.97
N GLY A 28 -17.21 2.99 -5.78
CA GLY A 28 -17.38 1.61 -5.41
C GLY A 28 -16.13 0.87 -5.11
N GLY A 29 -15.21 1.50 -4.36
CA GLY A 29 -14.02 0.92 -3.84
C GLY A 29 -14.17 0.50 -2.41
N SER A 30 -13.05 0.29 -1.73
CA SER A 30 -13.07 -0.28 -0.39
C SER A 30 -13.95 0.46 0.57
N GLY A 31 -13.72 1.76 0.64
CA GLY A 31 -14.46 2.57 1.59
C GLY A 31 -15.92 2.75 1.26
N GLY A 32 -16.22 3.03 0.01
CA GLY A 32 -17.56 3.26 -0.41
C GLY A 32 -18.44 2.03 -0.28
N LEU A 33 -17.92 0.87 -0.71
CA LEU A 33 -18.68 -0.36 -0.58
C LEU A 33 -18.90 -0.69 0.87
N ALA A 34 -17.88 -0.57 1.70
CA ALA A 34 -18.03 -0.96 3.11
C ALA A 34 -19.09 -0.08 3.79
N SER A 35 -19.04 1.21 3.53
CA SER A 35 -20.01 2.14 4.16
C SER A 35 -21.42 1.86 3.67
N ALA A 36 -21.58 1.67 2.36
CA ALA A 36 -22.93 1.39 1.82
C ALA A 36 -23.51 0.11 2.37
N ARG A 37 -22.70 -0.95 2.44
CA ARG A 37 -23.20 -2.22 2.94
C ARG A 37 -23.61 -2.12 4.42
N ARG A 38 -22.85 -1.41 5.23
CA ARG A 38 -23.22 -1.29 6.66
C ARG A 38 -24.47 -0.41 6.79
N ALA A 39 -24.58 0.67 6.04
CA ALA A 39 -25.76 1.53 6.05
C ALA A 39 -27.00 0.70 5.69
N ALA A 40 -26.89 -0.12 4.65
CA ALA A 40 -28.04 -0.94 4.22
C ALA A 40 -28.47 -1.90 5.31
N GLU A 41 -27.50 -2.47 6.08
CA GLU A 41 -27.85 -3.36 7.17
C GLU A 41 -28.73 -2.63 8.19
N LEU A 42 -28.50 -1.35 8.36
CA LEU A 42 -29.26 -0.52 9.31
C LEU A 42 -30.56 0.03 8.71
N GLY A 43 -30.89 -0.39 7.48
CA GLY A 43 -32.14 -0.03 6.87
C GLY A 43 -32.06 1.06 5.86
N ALA A 44 -30.86 1.67 5.66
CA ALA A 44 -30.78 2.79 4.72
C ALA A 44 -31.09 2.33 3.32
N ARG A 45 -31.76 3.19 2.58
CA ARG A 45 -32.00 3.14 1.15
C ARG A 45 -30.79 3.76 0.43
N ALA A 46 -29.88 2.91 -0.06
CA ALA A 46 -28.55 3.33 -0.53
C ALA A 46 -28.33 3.03 -1.99
N ALA A 47 -27.46 3.86 -2.59
CA ALA A 47 -26.99 3.62 -3.93
C ALA A 47 -25.47 3.93 -3.98
N VAL A 48 -24.76 3.21 -4.81
CA VAL A 48 -23.33 3.41 -5.09
C VAL A 48 -23.16 3.78 -6.55
N VAL A 49 -22.41 4.88 -6.78
CA VAL A 49 -22.04 5.29 -8.11
C VAL A 49 -20.63 4.81 -8.41
N GLU A 50 -20.43 4.17 -9.55
CA GLU A 50 -19.09 3.66 -9.96
C GLU A 50 -18.92 3.86 -11.44
N SER A 51 -17.82 4.54 -11.79
CA SER A 51 -17.52 4.82 -13.20
C SER A 51 -16.76 3.74 -13.92
N HIS A 52 -16.06 2.85 -13.17
CA HIS A 52 -15.14 1.83 -13.72
C HIS A 52 -15.52 0.50 -13.08
N LYS A 53 -14.60 -0.20 -12.41
CA LYS A 53 -14.86 -1.56 -11.92
C LYS A 53 -15.08 -1.54 -10.45
N LEU A 54 -16.14 -2.24 -10.01
CA LEU A 54 -16.38 -2.43 -8.58
C LEU A 54 -15.17 -3.07 -7.93
N GLY A 55 -14.94 -2.65 -6.68
CA GLY A 55 -13.81 -3.07 -5.95
C GLY A 55 -12.66 -2.07 -5.97
N GLY A 56 -12.72 -1.10 -6.91
CA GLY A 56 -11.78 0.00 -6.90
C GLY A 56 -10.33 -0.46 -7.01
N THR A 57 -9.47 0.34 -6.37
CA THR A 57 -8.04 0.11 -6.46
C THR A 57 -7.68 -1.22 -5.86
N CYS A 58 -8.19 -1.53 -4.68
CA CYS A 58 -7.88 -2.76 -4.00
C CYS A 58 -7.98 -3.99 -4.87
N VAL A 59 -9.14 -4.17 -5.47
CA VAL A 59 -9.38 -5.40 -6.23
C VAL A 59 -8.66 -5.36 -7.57
N ASN A 60 -8.65 -4.21 -8.25
CA ASN A 60 -8.32 -4.17 -9.66
C ASN A 60 -6.84 -3.89 -9.92
N VAL A 61 -6.24 -2.95 -9.18
CA VAL A 61 -4.90 -2.40 -9.50
C VAL A 61 -4.10 -2.14 -8.22
N GLY A 62 -4.37 -2.91 -7.18
CA GLY A 62 -3.81 -2.63 -5.87
C GLY A 62 -3.56 -3.87 -5.08
N CYS A 63 -4.04 -3.92 -3.85
CA CYS A 63 -3.81 -4.95 -2.85
C CYS A 63 -3.80 -6.35 -3.43
N VAL A 64 -4.92 -6.74 -4.08
CA VAL A 64 -5.11 -8.13 -4.46
C VAL A 64 -4.15 -8.58 -5.57
N PRO A 65 -4.12 -7.91 -6.75
CA PRO A 65 -3.18 -8.37 -7.79
C PRO A 65 -1.74 -8.20 -7.33
N LYS A 66 -1.43 -7.19 -6.51
CA LYS A 66 -0.09 -7.05 -5.95
C LYS A 66 0.24 -8.31 -5.19
N LYS A 67 -0.64 -8.74 -4.27
CA LYS A 67 -0.34 -9.87 -3.42
C LYS A 67 -0.14 -11.15 -4.24
N VAL A 68 -0.93 -11.33 -5.30
CA VAL A 68 -0.69 -12.49 -6.16
C VAL A 68 0.75 -12.47 -6.72
N MET A 69 1.17 -11.28 -7.19
CA MET A 69 2.55 -11.16 -7.71
C MET A 69 3.60 -11.33 -6.60
N TRP A 70 3.33 -10.87 -5.37
CA TRP A 70 4.22 -11.07 -4.25
C TRP A 70 4.38 -12.55 -3.97
N ASN A 71 3.24 -13.28 -3.95
CA ASN A 71 3.31 -14.72 -3.74
C ASN A 71 4.14 -15.42 -4.81
N THR A 72 4.03 -14.90 -6.04
CA THR A 72 4.83 -15.48 -7.15
C THR A 72 6.31 -15.23 -6.91
N ALA A 73 6.67 -14.01 -6.50
CA ALA A 73 8.05 -13.66 -6.16
C ALA A 73 8.59 -14.48 -5.05
N VAL A 74 7.79 -14.54 -3.95
N VAL A 74 7.78 -14.86 -4.04
CA VAL A 74 8.14 -15.27 -2.73
CA VAL A 74 8.20 -15.87 -3.07
C VAL A 74 8.44 -16.74 -3.05
C VAL A 74 8.54 -17.22 -3.72
N HIS A 75 7.58 -17.34 -3.87
N HIS A 75 7.78 -17.64 -4.73
CA HIS A 75 7.75 -18.69 -4.35
CA HIS A 75 8.06 -18.91 -5.46
C HIS A 75 9.12 -18.81 -5.04
C HIS A 75 9.43 -18.87 -6.13
N SER A 76 9.39 -17.89 -5.96
N SER A 76 9.88 -17.69 -6.59
CA SER A 76 10.65 -17.94 -6.72
CA SER A 76 11.25 -17.58 -7.12
C SER A 76 11.85 -17.83 -5.80
C SER A 76 12.29 -17.92 -6.04
N GLU A 77 11.79 -16.85 -4.87
N GLU A 77 12.10 -17.50 -4.79
CA GLU A 77 12.91 -16.74 -3.94
CA GLU A 77 13.02 -17.84 -3.70
C GLU A 77 13.15 -17.99 -3.13
C GLU A 77 12.95 -19.31 -3.31
N PHE A 78 12.10 -18.62 -2.60
N PHE A 78 11.76 -19.89 -3.30
CA PHE A 78 12.27 -19.85 -1.82
CA PHE A 78 11.71 -21.33 -3.07
C PHE A 78 12.84 -20.98 -2.68
C PHE A 78 12.54 -22.09 -4.08
N MET A 79 12.51 -20.95 -3.98
N MET A 79 12.44 -21.69 -5.36
CA MET A 79 12.95 -22.08 -4.84
CA MET A 79 13.25 -22.21 -6.43
C MET A 79 14.43 -22.02 -5.09
C MET A 79 14.74 -22.16 -6.05
N HIS A 80 15.05 -20.84 -4.89
N HIS A 80 15.24 -21.05 -5.55
CA HIS A 80 16.51 -20.82 -4.98
CA HIS A 80 16.62 -20.89 -5.12
C HIS A 80 17.18 -21.60 -3.87
C HIS A 80 17.11 -21.80 -3.99
N ASP A 81 16.35 -22.04 -2.90
CA ASP A 81 16.77 -22.86 -1.80
C ASP A 81 16.45 -24.35 -1.98
N HIS A 82 15.91 -24.77 -3.11
CA HIS A 82 15.38 -26.12 -3.29
C HIS A 82 16.47 -27.16 -3.21
N ALA A 83 17.64 -26.90 -3.80
CA ALA A 83 18.71 -27.89 -3.71
C ALA A 83 19.27 -27.94 -2.28
N ASP A 84 19.34 -26.80 -1.58
CA ASP A 84 19.82 -26.80 -0.21
C ASP A 84 18.91 -27.65 0.71
N TYR A 85 17.61 -27.72 0.38
CA TYR A 85 16.67 -28.53 1.12
C TYR A 85 16.56 -29.95 0.63
N GLY A 86 17.47 -30.40 -0.25
CA GLY A 86 17.53 -31.82 -0.59
C GLY A 86 16.90 -32.21 -1.89
N PHE A 87 16.44 -31.26 -2.67
CA PHE A 87 15.82 -31.63 -3.96
C PHE A 87 16.74 -31.33 -5.11
N PRO A 88 16.58 -32.00 -6.25
N PRO A 88 16.51 -31.88 -6.31
CA PRO A 88 17.31 -31.60 -7.47
CA PRO A 88 17.21 -31.44 -7.53
C PRO A 88 16.83 -30.20 -7.88
C PRO A 88 17.21 -29.91 -7.71
N SER A 89 17.75 -29.38 -8.37
N SER A 89 18.34 -29.43 -8.21
CA SER A 89 17.54 -27.99 -8.74
CA SER A 89 18.59 -28.01 -8.41
C SER A 89 16.38 -27.90 -9.73
C SER A 89 17.77 -27.46 -9.55
N CYS A 90 15.81 -26.73 -9.83
N CYS A 90 17.53 -26.16 -9.45
CA CYS A 90 14.67 -26.29 -10.58
CA CYS A 90 16.52 -25.64 -10.39
C CYS A 90 14.89 -25.19 -11.62
C CYS A 90 16.50 -24.12 -10.39
N GLU A 91 15.72 -25.40 -12.61
N GLU A 91 16.85 -23.53 -11.53
CA GLU A 91 16.42 -24.47 -13.47
CA GLU A 91 16.91 -22.13 -11.86
C GLU A 91 15.77 -24.03 -14.77
C GLU A 91 16.09 -21.85 -13.13
N GLY A 92 14.51 -23.71 -14.88
N GLY A 92 14.82 -22.23 -13.08
CA GLY A 92 13.91 -23.27 -16.14
CA GLY A 92 13.90 -22.15 -14.19
C GLY A 92 13.53 -21.80 -16.07
C GLY A 92 13.39 -20.84 -14.72
N LYS A 93 12.76 -21.21 -17.00
N LYS A 93 13.14 -20.80 -16.04
CA LYS A 93 12.40 -19.80 -16.84
CA LYS A 93 12.63 -19.57 -16.64
C LYS A 93 10.95 -19.54 -16.41
C LYS A 93 11.12 -19.45 -16.45
N PHE A 94 10.77 -18.47 -15.65
CA PHE A 94 9.46 -18.00 -15.30
C PHE A 94 8.71 -17.57 -16.56
N ASN A 95 7.40 -17.79 -16.56
CA ASN A 95 6.52 -17.39 -17.65
C ASN A 95 5.45 -16.41 -17.14
N TRP A 96 5.75 -15.14 -17.30
CA TRP A 96 4.86 -14.06 -16.80
C TRP A 96 3.44 -14.22 -17.27
N ARG A 97 3.26 -14.59 -18.54
CA ARG A 97 1.93 -14.68 -19.08
C ARG A 97 1.05 -15.67 -18.34
N VAL A 98 1.60 -16.77 -17.83
CA VAL A 98 0.85 -17.78 -17.11
C VAL A 98 0.17 -17.15 -15.90
N ILE A 99 1.00 -16.48 -15.10
CA ILE A 99 0.46 -15.90 -13.88
C ILE A 99 -0.38 -14.70 -14.20
N LYS A 100 -0.10 -13.90 -15.20
CA LYS A 100 -0.94 -12.77 -15.52
C LYS A 100 -2.35 -13.20 -15.79
N GLU A 101 -2.50 -14.25 -16.58
CA GLU A 101 -3.84 -14.74 -16.91
C GLU A 101 -4.57 -15.19 -15.65
N LYS A 102 -3.91 -15.93 -14.77
CA LYS A 102 -4.59 -16.43 -13.57
C LYS A 102 -4.94 -15.28 -12.63
N ARG A 103 -4.07 -14.29 -12.54
CA ARG A 103 -4.30 -13.10 -11.72
C ARG A 103 -5.52 -12.35 -12.22
N ASP A 104 -5.59 -12.13 -13.54
CA ASP A 104 -6.73 -11.45 -14.15
C ASP A 104 -8.03 -12.22 -13.87
N ALA A 105 -8.00 -13.52 -13.95
CA ALA A 105 -9.21 -14.34 -13.67
C ALA A 105 -9.65 -14.15 -12.22
N TYR A 106 -8.72 -14.14 -11.28
CA TYR A 106 -9.07 -13.91 -9.86
C TYR A 106 -9.72 -12.54 -9.70
N VAL A 107 -9.16 -11.51 -10.31
CA VAL A 107 -9.75 -10.19 -10.24
C VAL A 107 -11.17 -10.24 -10.75
N SER A 108 -11.39 -10.92 -11.91
CA SER A 108 -12.76 -11.04 -12.43
C SER A 108 -13.70 -11.76 -11.48
N ARG A 109 -13.25 -12.80 -10.81
CA ARG A 109 -14.08 -13.49 -9.80
C ARG A 109 -14.46 -12.51 -8.70
N LEU A 110 -13.52 -11.69 -8.24
CA LEU A 110 -13.81 -10.71 -7.17
C LEU A 110 -14.75 -9.67 -7.68
N ASN A 111 -14.60 -9.17 -8.91
CA ASN A 111 -15.56 -8.18 -9.42
C ASN A 111 -16.99 -8.73 -9.30
N ALA A 112 -17.19 -10.01 -9.65
CA ALA A 112 -18.51 -10.63 -9.63
C ALA A 112 -19.03 -10.76 -8.21
N ILE A 113 -18.17 -11.11 -7.26
CA ILE A 113 -18.57 -11.23 -5.85
C ILE A 113 -18.98 -9.87 -5.33
N TYR A 114 -18.22 -8.82 -5.61
CA TYR A 114 -18.55 -7.49 -5.09
C TYR A 114 -19.83 -6.98 -5.64
N GLN A 115 -20.10 -7.21 -6.91
CA GLN A 115 -21.39 -6.86 -7.50
C GLN A 115 -22.52 -7.61 -6.79
N ASN A 116 -22.35 -8.91 -6.55
CA ASN A 116 -23.37 -9.66 -5.86
C ASN A 116 -23.58 -9.21 -4.40
N ASN A 117 -22.49 -8.78 -3.75
CA ASN A 117 -22.68 -8.27 -2.40
C ASN A 117 -23.61 -7.08 -2.36
N LEU A 118 -23.49 -6.17 -3.32
CA LEU A 118 -24.40 -5.07 -3.44
C LEU A 118 -25.83 -5.50 -3.75
N THR A 119 -26.00 -6.45 -4.66
CA THR A 119 -27.34 -6.94 -4.97
C THR A 119 -27.97 -7.54 -3.74
N LYS A 120 -27.26 -8.39 -3.00
CA LYS A 120 -27.78 -9.05 -1.82
C LYS A 120 -28.20 -8.07 -0.75
N SER A 121 -27.51 -6.92 -0.68
CA SER A 121 -27.82 -5.84 0.25
C SER A 121 -28.89 -4.88 -0.30
N HIS A 122 -29.39 -5.08 -1.55
CA HIS A 122 -30.41 -4.22 -2.16
C HIS A 122 -29.89 -2.80 -2.28
N ILE A 123 -28.61 -2.67 -2.64
CA ILE A 123 -27.96 -1.40 -2.92
C ILE A 123 -27.95 -1.22 -4.41
N GLU A 124 -28.55 -0.11 -4.85
CA GLU A 124 -28.59 0.21 -6.28
C GLU A 124 -27.20 0.56 -6.78
N ILE A 125 -26.86 0.06 -7.96
CA ILE A 125 -25.58 0.42 -8.59
C ILE A 125 -25.89 1.38 -9.70
N ILE A 126 -25.31 2.56 -9.66
CA ILE A 126 -25.45 3.61 -10.68
C ILE A 126 -24.15 3.63 -11.46
N ARG A 127 -24.20 3.28 -12.73
CA ARG A 127 -22.96 3.22 -13.55
C ARG A 127 -22.69 4.53 -14.20
N GLY A 128 -21.53 5.09 -13.97
CA GLY A 128 -21.14 6.34 -14.64
C GLY A 128 -20.36 7.23 -13.68
N HIS A 129 -20.02 8.42 -14.17
CA HIS A 129 -19.21 9.38 -13.43
C HIS A 129 -20.12 10.41 -12.76
N ALA A 130 -20.05 10.49 -11.44
CA ALA A 130 -20.82 11.50 -10.70
C ALA A 130 -20.08 12.84 -10.59
N ALA A 131 -20.89 13.89 -10.65
CA ALA A 131 -20.44 15.23 -10.28
C ALA A 131 -21.55 15.92 -9.50
N PHE A 132 -21.21 16.81 -8.59
CA PHE A 132 -22.19 17.63 -7.88
C PHE A 132 -22.83 18.65 -8.81
N THR A 133 -24.09 18.96 -8.49
CA THR A 133 -24.75 20.09 -9.10
C THR A 133 -24.77 21.28 -8.15
N SER A 134 -25.23 22.43 -8.66
CA SER A 134 -25.27 23.60 -7.76
C SER A 134 -26.62 23.79 -7.08
N ASP A 135 -27.47 22.76 -7.08
CA ASP A 135 -28.66 22.77 -6.22
C ASP A 135 -28.21 22.98 -4.78
N PRO A 136 -28.72 23.98 -4.09
CA PRO A 136 -28.37 24.20 -2.69
C PRO A 136 -28.56 22.96 -1.82
N LYS A 137 -29.59 22.20 -2.24
CA LYS A 137 -29.68 20.90 -1.59
C LYS A 137 -28.78 19.86 -2.30
N PRO A 138 -27.79 19.32 -1.61
CA PRO A 138 -26.75 18.50 -2.33
C PRO A 138 -27.35 17.36 -3.19
N THR A 139 -26.93 17.39 -4.44
CA THR A 139 -27.49 16.60 -5.53
C THR A 139 -26.31 16.25 -6.40
N ILE A 140 -26.30 15.09 -6.99
CA ILE A 140 -25.32 14.71 -7.99
C ILE A 140 -26.06 14.39 -9.31
N GLU A 141 -25.27 14.46 -10.36
CA GLU A 141 -25.68 14.10 -11.71
C GLU A 141 -24.75 13.00 -12.25
N VAL A 142 -25.38 12.00 -12.85
CA VAL A 142 -24.68 10.90 -13.47
C VAL A 142 -25.36 10.65 -14.81
N SER A 143 -24.66 10.80 -15.92
CA SER A 143 -25.22 10.55 -17.22
C SER A 143 -26.52 11.30 -17.45
N GLY A 144 -26.54 12.55 -17.03
CA GLY A 144 -27.71 13.40 -17.19
C GLY A 144 -28.88 13.17 -16.25
N LYS A 145 -28.80 12.26 -15.31
CA LYS A 145 -29.85 11.97 -14.36
C LYS A 145 -29.39 12.45 -12.99
N LYS A 146 -30.29 13.04 -12.20
CA LYS A 146 -30.00 13.55 -10.88
C LYS A 146 -30.47 12.65 -9.75
N TYR A 147 -29.67 12.68 -8.68
CA TYR A 147 -29.87 11.87 -7.49
C TYR A 147 -29.60 12.71 -6.26
N THR A 148 -30.36 12.55 -5.19
CA THR A 148 -30.16 13.33 -3.98
C THR A 148 -30.31 12.39 -2.76
N ALA A 149 -29.77 12.84 -1.64
CA ALA A 149 -29.89 12.20 -0.37
C ALA A 149 -29.50 13.19 0.74
N PRO A 150 -29.99 12.99 1.99
CA PRO A 150 -29.53 13.84 3.10
C PRO A 150 -28.10 13.54 3.51
N HIS A 151 -27.53 12.42 3.03
CA HIS A 151 -26.21 11.97 3.34
C HIS A 151 -25.50 11.50 2.06
N ILE A 152 -24.41 12.20 1.68
CA ILE A 152 -23.65 11.84 0.48
C ILE A 152 -22.21 11.63 0.90
N LEU A 153 -21.67 10.42 0.62
CA LEU A 153 -20.30 10.08 0.91
C LEU A 153 -19.47 10.15 -0.36
N ILE A 154 -18.35 10.93 -0.31
CA ILE A 154 -17.36 10.97 -1.36
C ILE A 154 -16.27 9.96 -1.00
N ALA A 155 -16.15 8.91 -1.83
CA ALA A 155 -15.17 7.81 -1.60
C ALA A 155 -14.51 7.46 -2.93
N THR A 156 -13.96 8.48 -3.61
CA THR A 156 -13.49 8.39 -4.96
C THR A 156 -12.03 8.01 -5.10
N GLY A 157 -11.32 7.80 -4.01
CA GLY A 157 -9.95 7.32 -4.04
C GLY A 157 -8.97 8.36 -4.69
N GLY A 158 -7.89 7.75 -5.20
CA GLY A 158 -6.79 8.51 -5.83
C GLY A 158 -6.32 7.80 -7.07
N MET A 159 -5.15 8.25 -7.53
CA MET A 159 -4.53 7.77 -8.78
C MET A 159 -3.04 7.96 -8.66
N PRO A 160 -2.23 7.30 -9.47
CA PRO A 160 -0.78 7.48 -9.38
C PRO A 160 -0.38 8.90 -9.77
N SER A 161 0.66 9.39 -9.07
CA SER A 161 1.28 10.65 -9.48
C SER A 161 2.35 10.42 -10.54
N THR A 162 2.39 11.21 -11.61
CA THR A 162 3.50 11.20 -12.56
C THR A 162 4.11 12.60 -12.72
N PRO A 163 5.38 12.67 -13.01
CA PRO A 163 5.98 14.01 -13.26
C PRO A 163 5.34 14.69 -14.47
N HIS A 164 5.35 16.01 -14.39
CA HIS A 164 4.94 16.82 -15.54
C HIS A 164 6.07 16.82 -16.57
N GLU A 165 5.71 16.82 -17.84
CA GLU A 165 6.69 16.98 -18.92
C GLU A 165 7.57 18.25 -18.78
N SER A 166 7.00 19.32 -18.23
CA SER A 166 7.75 20.56 -18.08
C SER A 166 8.88 20.38 -17.08
N GLN A 167 8.77 19.44 -16.16
CA GLN A 167 9.79 19.11 -15.20
C GLN A 167 10.74 18.04 -15.71
N ILE A 168 10.15 16.95 -16.22
CA ILE A 168 10.93 15.79 -16.70
C ILE A 168 10.47 15.44 -18.10
N PRO A 169 11.15 15.97 -19.12
CA PRO A 169 10.70 15.67 -20.48
C PRO A 169 10.81 14.18 -20.72
N GLY A 170 9.77 13.59 -21.30
CA GLY A 170 9.74 12.16 -21.54
C GLY A 170 9.09 11.35 -20.42
N ALA A 171 8.62 12.03 -19.36
CA ALA A 171 8.11 11.29 -18.20
C ALA A 171 6.95 10.38 -18.61
N SER A 172 6.19 10.77 -19.64
CA SER A 172 5.00 10.03 -20.08
C SER A 172 5.39 8.68 -20.67
N LEU A 173 6.67 8.48 -20.98
CA LEU A 173 7.18 7.19 -21.44
C LEU A 173 7.24 6.12 -20.35
N GLY A 174 7.25 6.60 -19.10
CA GLY A 174 7.20 5.67 -17.97
C GLY A 174 5.74 5.23 -17.74
N ILE A 175 5.62 4.21 -16.91
CA ILE A 175 4.35 3.68 -16.45
C ILE A 175 4.25 3.93 -14.92
N THR A 176 3.08 3.59 -14.37
CA THR A 176 2.85 3.60 -12.95
C THR A 176 2.34 2.23 -12.54
N SER A 177 1.95 2.11 -11.25
CA SER A 177 1.37 0.85 -10.82
C SER A 177 0.17 0.43 -11.67
N ASP A 178 -0.61 1.36 -12.20
CA ASP A 178 -1.72 0.96 -13.05
C ASP A 178 -1.20 0.15 -14.29
N GLY A 179 -0.19 0.73 -14.95
CA GLY A 179 0.40 0.08 -16.08
C GLY A 179 1.14 -1.20 -15.73
N PHE A 180 1.65 -1.33 -14.54
CA PHE A 180 2.29 -2.56 -14.10
C PHE A 180 1.32 -3.74 -14.27
N PHE A 181 0.06 -3.51 -13.89
CA PHE A 181 -0.95 -4.60 -13.99
C PHE A 181 -1.44 -4.85 -15.39
N GLN A 182 -1.01 -4.07 -16.37
CA GLN A 182 -1.27 -4.32 -17.79
C GLN A 182 -0.08 -4.99 -18.49
N LEU A 183 1.07 -5.04 -17.88
CA LEU A 183 2.22 -5.70 -18.52
C LEU A 183 1.90 -7.17 -18.88
N GLU A 184 2.25 -7.51 -20.11
CA GLU A 184 1.98 -8.86 -20.62
C GLU A 184 3.23 -9.74 -20.62
N GLU A 185 4.38 -9.18 -20.34
CA GLU A 185 5.67 -9.89 -20.34
C GLU A 185 6.51 -9.30 -19.22
N LEU A 186 7.47 -10.10 -18.76
CA LEU A 186 8.47 -9.64 -17.82
C LEU A 186 9.43 -8.61 -18.45
N PRO A 187 9.56 -7.40 -17.99
CA PRO A 187 10.55 -6.51 -18.61
C PRO A 187 11.96 -7.02 -18.36
N GLY A 188 12.82 -7.00 -19.36
CA GLY A 188 14.18 -7.44 -19.16
C GLY A 188 14.99 -6.57 -18.19
N ARG A 189 14.78 -5.27 -18.30
CA ARG A 189 15.51 -4.25 -17.56
C ARG A 189 14.50 -3.27 -17.04
N SER A 190 14.48 -3.07 -15.72
CA SER A 190 13.51 -2.20 -15.04
C SER A 190 14.20 -1.15 -14.22
N VAL A 191 13.68 0.10 -14.26
CA VAL A 191 14.13 1.18 -13.39
C VAL A 191 12.87 1.69 -12.65
N ILE A 192 12.88 1.60 -11.34
CA ILE A 192 11.77 2.00 -10.46
C ILE A 192 12.20 3.27 -9.76
N VAL A 193 11.36 4.30 -9.81
CA VAL A 193 11.67 5.61 -9.25
C VAL A 193 10.77 5.88 -8.05
N GLY A 194 11.37 6.18 -6.90
CA GLY A 194 10.66 6.47 -5.70
C GLY A 194 11.15 5.64 -4.55
N ALA A 195 10.61 5.85 -3.34
CA ALA A 195 11.26 5.35 -2.16
C ALA A 195 10.27 4.97 -1.04
N GLY A 196 9.03 4.71 -1.41
CA GLY A 196 7.98 4.32 -0.48
C GLY A 196 7.46 2.92 -0.79
N TYR A 197 6.19 2.70 -0.43
CA TYR A 197 5.62 1.35 -0.51
C TYR A 197 5.72 0.71 -1.88
N ILE A 198 5.18 1.44 -2.89
CA ILE A 198 5.09 0.86 -4.25
C ILE A 198 6.48 0.62 -4.82
N ALA A 199 7.39 1.60 -4.64
CA ALA A 199 8.75 1.40 -5.20
C ALA A 199 9.39 0.16 -4.60
N VAL A 200 9.31 0.00 -3.29
CA VAL A 200 9.91 -1.14 -2.63
C VAL A 200 9.27 -2.43 -3.10
N GLU A 201 7.93 -2.48 -3.08
CA GLU A 201 7.25 -3.74 -3.41
C GLU A 201 7.45 -4.09 -4.87
N MET A 202 7.33 -3.14 -5.77
CA MET A 202 7.46 -3.45 -7.19
C MET A 202 8.89 -3.81 -7.56
N ALA A 203 9.88 -3.11 -7.02
CA ALA A 203 11.28 -3.48 -7.30
C ALA A 203 11.55 -4.88 -6.85
N GLY A 204 11.06 -5.25 -5.66
CA GLY A 204 11.31 -6.58 -5.16
C GLY A 204 10.66 -7.65 -6.00
N ILE A 205 9.44 -7.44 -6.44
CA ILE A 205 8.75 -8.41 -7.30
C ILE A 205 9.48 -8.55 -8.65
N LEU A 206 9.76 -7.41 -9.29
CA LEU A 206 10.37 -7.51 -10.63
C LEU A 206 11.74 -8.17 -10.56
N SER A 207 12.53 -7.84 -9.54
CA SER A 207 13.87 -8.42 -9.45
C SER A 207 13.78 -9.90 -9.11
N ALA A 208 12.88 -10.32 -8.22
CA ALA A 208 12.75 -11.73 -7.90
C ALA A 208 12.37 -12.59 -9.10
N LEU A 209 11.56 -11.98 -9.98
CA LEU A 209 11.06 -12.69 -11.16
C LEU A 209 12.00 -12.65 -12.35
N GLY A 210 13.12 -11.97 -12.24
CA GLY A 210 14.25 -12.04 -13.20
C GLY A 210 14.54 -10.76 -13.91
N SER A 211 13.85 -9.66 -13.66
CA SER A 211 14.22 -8.40 -14.32
C SER A 211 15.50 -7.85 -13.75
N LYS A 212 16.36 -7.29 -14.58
CA LYS A 212 17.55 -6.59 -14.06
C LYS A 212 17.08 -5.24 -13.57
N THR A 213 17.01 -5.05 -12.25
CA THR A 213 16.23 -3.99 -11.65
C THR A 213 17.11 -2.98 -10.89
N SER A 214 16.84 -1.70 -11.16
CA SER A 214 17.41 -0.60 -10.36
C SER A 214 16.27 0.16 -9.70
N LEU A 215 16.53 0.65 -8.50
CA LEU A 215 15.62 1.45 -7.69
C LEU A 215 16.30 2.80 -7.44
N MET A 216 15.72 3.87 -7.96
CA MET A 216 16.31 5.21 -7.95
C MET A 216 15.67 6.06 -6.89
N ILE A 217 16.40 6.39 -5.83
CA ILE A 217 15.89 7.03 -4.65
C ILE A 217 16.59 8.35 -4.41
N ARG A 218 15.85 9.32 -3.89
CA ARG A 218 16.38 10.66 -3.73
C ARG A 218 17.41 10.79 -2.59
N HIS A 219 17.33 9.94 -1.59
CA HIS A 219 18.23 9.98 -0.45
C HIS A 219 19.04 8.70 -0.39
N ASP A 220 19.44 8.25 0.82
CA ASP A 220 20.31 7.10 1.02
C ASP A 220 19.56 5.80 1.31
N LYS A 221 18.27 5.93 1.72
CA LYS A 221 17.48 4.83 2.20
C LYS A 221 16.04 4.96 1.71
N VAL A 222 15.35 3.82 1.65
CA VAL A 222 13.94 3.74 1.41
C VAL A 222 13.13 3.84 2.73
N LEU A 223 11.81 4.05 2.59
CA LEU A 223 10.90 4.01 3.73
C LEU A 223 11.35 4.94 4.85
N ARG A 224 11.72 6.18 4.49
CA ARG A 224 12.31 7.11 5.47
C ARG A 224 11.32 7.55 6.54
N SER A 225 10.00 7.41 6.27
CA SER A 225 9.01 7.73 7.34
C SER A 225 8.85 6.61 8.35
N PHE A 226 9.41 5.44 8.09
CA PHE A 226 9.35 4.32 9.00
C PHE A 226 10.43 4.45 10.07
N ASP A 227 10.41 3.62 11.08
CA ASP A 227 11.47 3.65 12.08
C ASP A 227 12.80 3.51 11.41
N SER A 228 13.80 4.24 11.94
CA SER A 228 15.12 4.16 11.32
C SER A 228 15.67 2.75 11.12
N MET A 229 15.38 1.83 12.07
CA MET A 229 15.86 0.46 11.94
C MET A 229 15.31 -0.22 10.69
N ILE A 230 14.01 0.03 10.41
CA ILE A 230 13.35 -0.53 9.25
C ILE A 230 13.87 0.12 7.99
N SER A 231 14.01 1.46 7.97
CA SER A 231 14.56 2.09 6.78
C SER A 231 15.94 1.54 6.39
N THR A 232 16.80 1.42 7.36
CA THR A 232 18.13 0.85 7.13
C THR A 232 18.03 -0.58 6.64
N ASN A 233 17.33 -1.42 7.39
CA ASN A 233 17.30 -2.84 7.07
C ASN A 233 16.67 -3.10 5.72
N CYS A 234 15.59 -2.37 5.41
CA CYS A 234 14.92 -2.64 4.11
C CYS A 234 15.83 -2.31 2.95
N THR A 235 16.58 -1.22 3.08
CA THR A 235 17.53 -0.82 2.03
C THR A 235 18.58 -1.90 1.83
N GLU A 236 19.14 -2.41 2.94
CA GLU A 236 20.15 -3.48 2.90
C GLU A 236 19.60 -4.76 2.27
N GLU A 237 18.34 -5.15 2.63
CA GLU A 237 17.77 -6.36 2.07
C GLU A 237 17.53 -6.22 0.58
N LEU A 238 17.11 -5.04 0.12
CA LEU A 238 16.97 -4.86 -1.31
C LEU A 238 18.29 -5.09 -2.05
N GLU A 239 19.34 -4.47 -1.53
CA GLU A 239 20.67 -4.61 -2.14
C GLU A 239 21.11 -6.08 -2.10
N ASN A 240 20.92 -6.74 -0.96
CA ASN A 240 21.38 -8.12 -0.89
C ASN A 240 20.59 -9.03 -1.81
N ALA A 241 19.37 -8.71 -2.16
CA ALA A 241 18.55 -9.43 -3.11
C ALA A 241 18.89 -9.16 -4.58
N GLY A 242 19.78 -8.27 -4.88
CA GLY A 242 20.13 -8.01 -6.27
C GLY A 242 19.47 -6.78 -6.85
N VAL A 243 18.69 -6.00 -6.08
CA VAL A 243 18.16 -4.75 -6.58
C VAL A 243 19.34 -3.74 -6.49
N GLU A 244 19.64 -3.07 -7.60
CA GLU A 244 20.63 -2.00 -7.60
C GLU A 244 20.00 -0.73 -7.06
N VAL A 245 20.39 -0.26 -5.89
CA VAL A 245 19.80 0.92 -5.27
C VAL A 245 20.69 2.11 -5.64
N LEU A 246 20.14 3.01 -6.44
CA LEU A 246 20.82 4.21 -6.94
C LEU A 246 20.49 5.35 -6.01
N LYS A 247 21.38 5.65 -5.10
CA LYS A 247 21.15 6.60 -4.02
C LYS A 247 21.41 8.03 -4.48
N PHE A 248 20.71 8.96 -3.85
CA PHE A 248 20.84 10.40 -4.10
C PHE A 248 20.73 10.64 -5.61
N SER A 249 19.77 9.98 -6.25
CA SER A 249 19.64 9.99 -7.73
C SER A 249 18.24 10.34 -8.16
N GLN A 250 18.14 11.14 -9.20
CA GLN A 250 16.84 11.62 -9.74
C GLN A 250 16.89 11.66 -11.26
N VAL A 251 15.74 11.42 -11.87
CA VAL A 251 15.61 11.45 -13.32
C VAL A 251 15.48 12.89 -13.80
N LYS A 252 16.27 13.19 -14.85
CA LYS A 252 16.22 14.48 -15.52
C LYS A 252 15.44 14.45 -16.84
N GLU A 253 15.50 13.32 -17.57
CA GLU A 253 14.89 13.22 -18.91
C GLU A 253 14.79 11.73 -19.25
N VAL A 254 13.83 11.39 -20.09
CA VAL A 254 13.63 10.05 -20.64
C VAL A 254 13.46 10.15 -22.15
N LYS A 255 14.12 9.32 -22.91
CA LYS A 255 14.00 9.29 -24.35
C LYS A 255 13.73 7.87 -24.84
N LYS A 256 12.97 7.77 -25.89
CA LYS A 256 12.74 6.54 -26.59
C LYS A 256 13.98 6.24 -27.43
N THR A 257 14.47 5.02 -27.38
CA THR A 257 15.57 4.56 -28.18
C THR A 257 15.19 3.32 -28.96
N LEU A 258 16.09 2.80 -29.77
CA LEU A 258 15.85 1.60 -30.55
C LEU A 258 15.65 0.34 -29.66
N SER A 259 16.29 0.44 -28.52
N SER A 259 16.25 0.39 -28.48
CA SER A 259 16.55 -0.54 -27.50
CA SER A 259 16.16 -0.78 -27.59
C SER A 259 15.80 -0.30 -26.22
C SER A 259 15.16 -0.60 -26.48
N GLY A 260 14.64 0.37 -26.24
N GLY A 260 14.51 0.57 -26.40
CA GLY A 260 13.91 0.71 -25.02
CA GLY A 260 13.52 0.78 -25.34
C GLY A 260 13.98 2.20 -24.76
C GLY A 260 13.58 2.23 -24.88
N LEU A 261 13.98 2.55 -23.49
N LEU A 261 14.22 2.45 -23.75
CA LEU A 261 14.12 3.92 -23.05
CA LEU A 261 14.32 3.75 -23.13
C LEU A 261 15.55 4.20 -22.58
C LEU A 261 15.73 4.12 -22.70
N GLU A 262 16.04 5.43 -22.72
CA GLU A 262 17.28 5.90 -22.07
C GLU A 262 16.87 6.88 -21.00
N VAL A 263 17.35 6.58 -19.80
CA VAL A 263 16.98 7.41 -18.63
C VAL A 263 18.20 8.28 -18.25
N SER A 264 18.06 9.61 -18.30
CA SER A 264 19.13 10.54 -17.87
C SER A 264 18.98 10.81 -16.38
N MET A 265 19.99 10.51 -15.59
CA MET A 265 19.95 10.61 -14.16
C MET A 265 21.01 11.64 -13.66
N VAL A 266 20.67 12.31 -12.59
CA VAL A 266 21.63 13.11 -11.83
C VAL A 266 21.80 12.47 -10.47
N THR A 267 23.06 12.26 -10.03
CA THR A 267 23.38 11.72 -8.74
C THR A 267 24.17 12.81 -7.98
N ALA A 268 23.78 13.10 -6.73
CA ALA A 268 24.38 14.15 -5.93
C ALA A 268 24.53 13.71 -4.49
N VAL A 269 25.56 12.90 -4.25
CA VAL A 269 25.81 12.37 -2.93
C VAL A 269 26.43 13.44 -2.06
N PRO A 270 25.95 13.63 -0.83
CA PRO A 270 26.60 14.61 0.02
C PRO A 270 28.09 14.36 0.19
N GLY A 271 28.91 15.39 0.04
CA GLY A 271 30.37 15.28 0.14
C GLY A 271 31.05 14.99 -1.16
N ARG A 272 30.32 14.68 -2.21
CA ARG A 272 30.81 14.43 -3.57
C ARG A 272 30.26 15.50 -4.47
N LEU A 273 30.70 15.51 -5.71
CA LEU A 273 30.15 16.41 -6.73
C LEU A 273 29.03 15.75 -7.49
N PRO A 274 28.06 16.52 -7.96
CA PRO A 274 27.00 15.93 -8.84
C PRO A 274 27.53 15.37 -10.14
N VAL A 275 26.84 14.31 -10.61
CA VAL A 275 27.26 13.58 -11.77
C VAL A 275 26.07 13.17 -12.59
N MET A 276 26.12 13.33 -13.90
CA MET A 276 25.09 12.90 -14.83
C MET A 276 25.47 11.54 -15.43
N THR A 277 24.52 10.61 -15.49
CA THR A 277 24.66 9.25 -16.01
C THR A 277 23.47 8.91 -16.91
N MET A 278 23.70 8.29 -18.02
CA MET A 278 22.64 7.74 -18.86
C MET A 278 22.48 6.28 -18.53
N ILE A 279 21.24 5.83 -18.39
CA ILE A 279 20.94 4.41 -18.19
C ILE A 279 20.25 3.92 -19.49
N PRO A 280 20.92 3.10 -20.31
CA PRO A 280 20.35 2.69 -21.60
C PRO A 280 19.53 1.42 -21.52
N ASP A 281 18.81 1.15 -22.56
CA ASP A 281 18.21 -0.14 -22.79
C ASP A 281 17.19 -0.50 -21.70
N VAL A 282 16.46 0.50 -21.19
CA VAL A 282 15.44 0.22 -20.16
C VAL A 282 14.12 -0.22 -20.81
N ASP A 283 13.62 -1.36 -20.35
CA ASP A 283 12.32 -1.79 -20.88
C ASP A 283 11.14 -1.22 -20.12
N CYS A 284 11.25 -1.04 -18.83
CA CYS A 284 10.18 -0.59 -17.96
C CYS A 284 10.73 0.49 -17.03
N LEU A 285 10.21 1.70 -17.14
CA LEU A 285 10.46 2.81 -16.21
C LEU A 285 9.17 2.97 -15.43
N LEU A 286 9.20 2.78 -14.12
CA LEU A 286 7.97 2.81 -13.27
C LEU A 286 8.09 3.99 -12.28
N TRP A 287 7.18 4.93 -12.36
CA TRP A 287 7.08 6.01 -11.42
C TRP A 287 6.28 5.56 -10.19
N ALA A 288 6.87 5.57 -9.03
CA ALA A 288 6.23 5.18 -7.74
C ALA A 288 6.52 6.29 -6.71
N ILE A 289 5.90 7.47 -6.95
CA ILE A 289 6.28 8.69 -6.27
C ILE A 289 5.12 9.30 -5.51
N GLY A 290 4.08 8.51 -5.19
CA GLY A 290 2.91 8.94 -4.46
C GLY A 290 1.67 8.87 -5.29
N ARG A 291 0.57 9.23 -4.66
CA ARG A 291 -0.76 9.27 -5.24
C ARG A 291 -1.40 10.62 -5.09
N VAL A 292 -2.31 10.93 -5.98
CA VAL A 292 -3.07 12.20 -5.88
C VAL A 292 -4.55 11.85 -5.89
N PRO A 293 -5.34 12.65 -5.21
CA PRO A 293 -6.77 12.33 -5.02
C PRO A 293 -7.57 12.53 -6.30
N ASN A 294 -8.63 11.75 -6.43
CA ASN A 294 -9.48 11.76 -7.60
C ASN A 294 -10.67 12.70 -7.36
N THR A 295 -10.43 14.00 -7.51
CA THR A 295 -11.45 15.02 -7.22
C THR A 295 -11.61 16.05 -8.30
N LYS A 296 -10.78 16.10 -9.33
CA LYS A 296 -10.78 17.18 -10.29
C LYS A 296 -12.09 17.40 -10.96
N ASP A 297 -12.82 16.33 -11.26
CA ASP A 297 -14.05 16.53 -12.04
C ASP A 297 -15.35 16.30 -11.27
N LEU A 298 -15.30 16.47 -9.95
CA LEU A 298 -16.45 16.31 -9.08
C LEU A 298 -17.30 17.56 -8.99
N SER A 299 -16.85 18.70 -9.54
CA SER A 299 -17.57 19.95 -9.37
C SER A 299 -17.74 20.32 -7.89
N LEU A 300 -16.72 20.11 -7.07
CA LEU A 300 -16.79 20.47 -5.66
C LEU A 300 -17.08 21.95 -5.38
N ASN A 301 -16.62 22.80 -6.29
CA ASN A 301 -16.85 24.24 -6.18
C ASN A 301 -18.31 24.60 -6.23
N LYS A 302 -19.17 23.77 -6.83
CA LYS A 302 -20.57 24.14 -6.94
C LYS A 302 -21.23 24.16 -5.57
N LEU A 303 -20.70 23.47 -4.57
CA LEU A 303 -21.17 23.44 -3.21
C LEU A 303 -20.16 24.06 -2.25
N GLY A 304 -19.01 24.55 -2.71
CA GLY A 304 -18.08 25.10 -1.72
C GLY A 304 -17.38 24.07 -0.87
N ILE A 305 -17.27 22.82 -1.35
CA ILE A 305 -16.61 21.76 -0.55
C ILE A 305 -15.10 22.00 -0.48
N GLN A 306 -14.55 22.03 0.70
CA GLN A 306 -13.16 22.40 0.97
C GLN A 306 -12.18 21.31 0.60
N THR A 307 -11.12 21.72 -0.11
CA THR A 307 -9.99 20.84 -0.44
C THR A 307 -8.66 21.51 -0.02
N ASP A 308 -7.63 20.69 0.06
CA ASP A 308 -6.28 21.30 0.16
C ASP A 308 -5.76 21.60 -1.22
N ASP A 309 -4.50 22.12 -1.29
CA ASP A 309 -3.85 22.51 -2.52
C ASP A 309 -3.66 21.37 -3.50
N LYS A 310 -3.58 20.14 -3.02
CA LYS A 310 -3.41 18.90 -3.78
C LYS A 310 -4.73 18.25 -4.22
N GLY A 311 -5.85 18.77 -3.73
CA GLY A 311 -7.17 18.28 -4.12
C GLY A 311 -7.78 17.30 -3.15
N HIS A 312 -7.16 17.07 -2.00
CA HIS A 312 -7.78 16.17 -1.02
C HIS A 312 -9.00 16.82 -0.42
N ILE A 313 -10.05 16.05 -0.17
CA ILE A 313 -11.22 16.56 0.53
C ILE A 313 -10.85 16.73 2.01
N ILE A 314 -11.11 17.89 2.61
CA ILE A 314 -10.84 18.13 3.99
C ILE A 314 -11.96 17.57 4.87
N VAL A 315 -11.61 16.86 5.94
CA VAL A 315 -12.64 16.33 6.85
C VAL A 315 -12.21 16.56 8.29
N ASP A 316 -13.21 16.50 9.17
CA ASP A 316 -13.00 16.45 10.60
C ASP A 316 -12.84 14.99 11.05
N GLU A 317 -12.79 14.80 12.38
CA GLU A 317 -12.56 13.48 12.96
C GLU A 317 -13.70 12.52 12.73
N PHE A 318 -14.87 13.02 12.35
CA PHE A 318 -16.06 12.25 12.04
C PHE A 318 -16.30 12.08 10.55
N GLN A 319 -15.33 12.44 9.73
CA GLN A 319 -15.40 12.34 8.26
C GLN A 319 -16.38 13.32 7.66
N ASN A 320 -16.77 14.37 8.41
CA ASN A 320 -17.56 15.43 7.82
C ASN A 320 -16.68 16.34 6.95
N THR A 321 -17.20 16.71 5.80
CA THR A 321 -16.66 17.80 5.01
C THR A 321 -17.06 19.13 5.67
N ASN A 322 -16.73 20.27 5.06
CA ASN A 322 -17.23 21.55 5.59
C ASN A 322 -18.70 21.79 5.20
N VAL A 323 -19.38 20.88 4.52
CA VAL A 323 -20.74 21.08 4.02
C VAL A 323 -21.62 20.03 4.71
N LYS A 324 -22.68 20.50 5.38
CA LYS A 324 -23.60 19.59 6.05
C LYS A 324 -24.18 18.57 5.07
N GLY A 325 -24.23 17.31 5.55
CA GLY A 325 -24.74 16.23 4.76
C GLY A 325 -23.80 15.62 3.72
N ILE A 326 -22.54 16.07 3.71
CA ILE A 326 -21.53 15.54 2.82
C ILE A 326 -20.33 15.13 3.66
N TYR A 327 -19.81 13.92 3.34
CA TYR A 327 -18.77 13.24 4.06
C TYR A 327 -17.72 12.74 3.07
N ALA A 328 -16.55 12.35 3.57
CA ALA A 328 -15.54 11.74 2.71
C ALA A 328 -14.73 10.77 3.53
N VAL A 329 -14.33 9.63 2.91
CA VAL A 329 -13.50 8.64 3.55
C VAL A 329 -12.51 8.10 2.51
N GLY A 330 -11.46 7.46 3.01
CA GLY A 330 -10.51 6.74 2.20
C GLY A 330 -9.45 7.61 1.59
N ASP A 331 -8.86 7.14 0.50
CA ASP A 331 -7.68 7.78 -0.09
C ASP A 331 -7.95 9.19 -0.53
N VAL A 332 -9.18 9.56 -0.85
CA VAL A 332 -9.48 10.92 -1.33
C VAL A 332 -9.17 11.95 -0.25
N CYS A 333 -9.11 11.58 1.00
CA CYS A 333 -8.82 12.49 2.11
C CYS A 333 -7.31 12.59 2.40
N GLY A 334 -6.48 11.70 1.86
CA GLY A 334 -5.05 11.84 2.04
C GLY A 334 -4.45 11.39 3.33
N LYS A 335 -5.19 10.73 4.21
CA LYS A 335 -4.71 10.29 5.51
C LYS A 335 -4.74 8.78 5.58
N ALA A 336 -3.63 8.16 5.86
CA ALA A 336 -3.58 6.69 6.16
C ALA A 336 -4.18 5.90 4.98
N LEU A 337 -3.50 5.91 3.85
CA LEU A 337 -3.99 5.35 2.58
C LEU A 337 -3.86 3.86 2.55
N LEU A 338 -4.79 3.17 3.21
CA LEU A 338 -4.81 1.73 3.34
C LEU A 338 -6.23 1.21 3.18
N THR A 339 -6.40 0.02 2.65
CA THR A 339 -7.75 -0.53 2.47
C THR A 339 -8.51 -0.63 3.77
N PRO A 340 -7.92 -1.21 4.82
CA PRO A 340 -8.67 -1.38 6.08
C PRO A 340 -9.06 -0.10 6.75
N VAL A 341 -8.34 0.99 6.49
CA VAL A 341 -8.66 2.32 7.04
C VAL A 341 -9.88 2.85 6.35
N ALA A 342 -9.93 2.80 5.02
CA ALA A 342 -11.10 3.21 4.28
C ALA A 342 -12.35 2.44 4.78
N ILE A 343 -12.19 1.13 4.91
CA ILE A 343 -13.30 0.26 5.36
C ILE A 343 -13.76 0.67 6.73
N ALA A 344 -12.83 0.78 7.70
CA ALA A 344 -13.19 1.05 9.07
C ALA A 344 -13.81 2.44 9.22
N ALA A 345 -13.25 3.44 8.54
CA ALA A 345 -13.83 4.78 8.58
C ALA A 345 -15.23 4.76 7.96
N GLY A 346 -15.42 4.06 6.86
CA GLY A 346 -16.70 3.96 6.22
C GLY A 346 -17.76 3.24 7.10
N ARG A 347 -17.37 2.18 7.79
CA ARG A 347 -18.30 1.51 8.67
C ARG A 347 -18.67 2.39 9.86
N LYS A 348 -17.65 3.02 10.48
CA LYS A 348 -17.94 3.88 11.64
C LYS A 348 -18.87 5.00 11.26
N LEU A 349 -18.72 5.56 10.07
CA LEU A 349 -19.59 6.60 9.59
C LEU A 349 -21.02 6.09 9.42
N ALA A 350 -21.20 4.90 8.86
CA ALA A 350 -22.53 4.33 8.72
C ALA A 350 -23.23 4.16 10.08
N HIS A 351 -22.49 3.71 11.08
CA HIS A 351 -23.09 3.62 12.40
C HIS A 351 -23.47 4.97 12.99
N ARG A 352 -22.62 6.01 12.76
CA ARG A 352 -22.97 7.33 13.22
C ARG A 352 -24.24 7.85 12.58
N LEU A 353 -24.35 7.74 11.24
CA LEU A 353 -25.44 8.31 10.52
C LEU A 353 -26.75 7.53 10.64
N PHE A 354 -26.67 6.20 10.66
CA PHE A 354 -27.83 5.33 10.52
C PHE A 354 -28.10 4.51 11.75
N GLU A 355 -27.21 4.47 12.72
CA GLU A 355 -27.51 3.95 14.06
C GLU A 355 -27.50 5.08 15.08
N TYR A 356 -27.23 6.32 14.68
CA TYR A 356 -27.30 7.49 15.56
C TYR A 356 -26.28 7.42 16.68
N LYS A 357 -25.14 6.81 16.44
CA LYS A 357 -24.04 6.69 17.42
C LYS A 357 -23.13 7.88 17.28
N GLU A 358 -23.41 8.94 18.03
CA GLU A 358 -22.78 10.24 17.79
C GLU A 358 -21.26 10.21 18.04
N ASP A 359 -20.75 9.27 18.81
CA ASP A 359 -19.34 9.17 19.06
C ASP A 359 -18.65 8.10 18.19
N SER A 360 -19.37 7.59 17.18
CA SER A 360 -18.71 6.59 16.31
C SER A 360 -17.82 7.25 15.28
N LYS A 361 -16.52 6.88 15.34
CA LYS A 361 -15.50 7.44 14.49
C LYS A 361 -14.29 6.51 14.55
N LEU A 362 -13.39 6.59 13.55
CA LEU A 362 -12.18 5.82 13.52
C LEU A 362 -11.06 6.55 14.31
N ASP A 363 -10.38 5.84 15.20
CA ASP A 363 -9.14 6.28 15.82
C ASP A 363 -7.98 6.03 14.84
N TYR A 364 -7.29 7.06 14.41
CA TYR A 364 -6.21 6.93 13.44
C TYR A 364 -4.88 6.62 14.13
N ASN A 365 -4.83 6.50 15.44
CA ASN A 365 -3.61 6.03 16.13
C ASN A 365 -3.56 4.51 16.11
N ASN A 366 -2.34 3.98 16.13
CA ASN A 366 -2.16 2.54 16.25
C ASN A 366 -2.78 1.73 15.15
N ILE A 367 -2.77 2.26 13.94
CA ILE A 367 -3.15 1.50 12.74
C ILE A 367 -1.95 0.69 12.30
N PRO A 368 -2.06 -0.63 12.20
CA PRO A 368 -0.93 -1.46 11.73
C PRO A 368 -0.87 -1.46 10.20
N THR A 369 0.33 -1.73 9.69
CA THR A 369 0.58 -1.83 8.26
C THR A 369 1.71 -2.80 7.99
N VAL A 370 1.62 -3.48 6.82
CA VAL A 370 2.65 -4.35 6.31
C VAL A 370 3.12 -3.84 4.95
N VAL A 371 4.46 -3.84 4.76
CA VAL A 371 5.04 -3.64 3.45
C VAL A 371 5.44 -5.01 2.91
N PHE A 372 4.94 -5.37 1.72
CA PHE A 372 5.21 -6.67 1.12
C PHE A 372 6.57 -6.62 0.39
N SER A 373 7.62 -6.38 1.17
CA SER A 373 9.02 -6.53 0.75
C SER A 373 9.44 -7.97 0.92
N HIS A 374 10.72 -8.25 0.76
CA HIS A 374 11.34 -9.55 0.88
C HIS A 374 12.50 -9.51 1.85
N PRO A 375 12.36 -9.89 3.07
CA PRO A 375 11.14 -10.36 3.73
C PRO A 375 10.20 -9.21 4.03
N PRO A 376 8.94 -9.51 4.42
CA PRO A 376 7.98 -8.45 4.69
C PRO A 376 8.28 -7.67 5.98
N ILE A 377 7.72 -6.46 6.01
CA ILE A 377 7.82 -5.51 7.11
C ILE A 377 6.49 -5.38 7.80
N GLY A 378 6.45 -5.34 9.12
CA GLY A 378 5.26 -4.98 9.90
C GLY A 378 5.54 -3.85 10.86
N THR A 379 4.63 -2.92 11.02
CA THR A 379 4.80 -1.84 11.99
C THR A 379 3.43 -1.40 12.51
N VAL A 380 3.42 -0.99 13.80
CA VAL A 380 2.28 -0.33 14.41
C VAL A 380 2.83 0.64 15.46
N GLY A 381 2.14 1.81 15.55
CA GLY A 381 2.51 2.77 16.56
C GLY A 381 3.65 3.65 16.17
N LEU A 382 4.31 4.24 17.19
CA LEU A 382 5.32 5.29 17.01
C LEU A 382 6.69 4.72 16.72
N THR A 383 7.43 5.42 15.85
CA THR A 383 8.85 5.15 15.71
C THR A 383 9.56 5.57 16.99
N GLU A 384 10.78 5.13 17.21
CA GLU A 384 11.55 5.52 18.34
C GLU A 384 11.68 7.04 18.38
N ASP A 385 11.98 7.69 17.28
CA ASP A 385 12.10 9.15 17.25
C ASP A 385 10.79 9.88 17.53
N GLU A 386 9.66 9.35 17.06
CA GLU A 386 8.37 9.92 17.38
C GLU A 386 8.05 9.82 18.85
N ALA A 387 8.41 8.66 19.45
CA ALA A 387 8.17 8.49 20.91
C ALA A 387 9.07 9.42 21.71
N ILE A 388 10.33 9.58 21.33
CA ILE A 388 11.20 10.51 22.06
C ILE A 388 10.65 11.91 21.99
N HIS A 389 10.13 12.35 20.84
CA HIS A 389 9.61 13.69 20.71
C HIS A 389 8.40 13.83 21.64
N LYS A 390 7.52 12.82 21.66
CA LYS A 390 6.28 12.87 22.42
C LYS A 390 6.45 12.78 23.94
N TYR A 391 7.26 11.84 24.41
CA TYR A 391 7.38 11.54 25.80
C TYR A 391 8.64 12.08 26.46
N GLY A 392 9.65 12.46 25.74
CA GLY A 392 10.96 12.90 26.26
C GLY A 392 11.97 11.76 26.26
N ILE A 393 13.23 12.10 25.99
CA ILE A 393 14.20 11.01 25.80
C ILE A 393 14.34 10.18 27.07
N GLU A 394 14.21 10.81 28.24
CA GLU A 394 14.45 10.11 29.47
C GLU A 394 13.31 9.15 29.79
N ASN A 395 12.22 9.22 29.06
CA ASN A 395 10.97 8.47 29.31
C ASN A 395 10.69 7.45 28.20
N VAL A 396 11.63 7.17 27.34
CA VAL A 396 11.55 6.15 26.27
C VAL A 396 12.66 5.14 26.43
N LYS A 397 12.29 3.86 26.36
CA LYS A 397 13.21 2.75 26.42
C LYS A 397 12.90 1.82 25.23
N THR A 398 13.92 1.44 24.47
CA THR A 398 13.71 0.54 23.34
C THR A 398 14.38 -0.77 23.64
N TYR A 399 13.77 -1.82 23.11
CA TYR A 399 14.28 -3.19 23.16
C TYR A 399 14.36 -3.69 21.70
N SER A 400 15.41 -4.39 21.35
CA SER A 400 15.52 -4.82 19.94
C SER A 400 16.30 -6.13 19.87
N THR A 401 16.13 -6.83 18.77
CA THR A 401 16.95 -7.98 18.43
C THR A 401 17.13 -8.07 16.91
N SER A 402 18.17 -8.85 16.53
CA SER A 402 18.41 -9.20 15.13
C SER A 402 18.90 -10.63 15.13
N PHE A 403 18.40 -11.46 14.21
CA PHE A 403 18.79 -12.85 14.11
C PHE A 403 18.54 -13.37 12.69
N THR A 404 19.10 -14.54 12.38
CA THR A 404 18.83 -15.21 11.12
C THR A 404 17.81 -16.31 11.41
N PRO A 405 16.60 -16.22 10.84
CA PRO A 405 15.59 -17.31 11.08
C PRO A 405 16.15 -18.65 10.78
N MET A 406 15.71 -19.66 11.56
CA MET A 406 16.20 -21.03 11.41
C MET A 406 15.78 -21.67 10.06
N TYR A 407 14.80 -21.12 9.34
CA TYR A 407 14.56 -21.53 7.99
C TYR A 407 15.91 -21.60 7.22
N HIS A 408 16.76 -20.58 7.44
CA HIS A 408 18.04 -20.47 6.70
C HIS A 408 19.17 -21.24 7.32
N ALA A 409 18.95 -22.05 8.39
CA ALA A 409 20.04 -22.82 8.98
C ALA A 409 20.66 -23.78 7.96
N VAL A 410 19.93 -24.18 6.95
CA VAL A 410 20.38 -25.15 5.95
C VAL A 410 20.56 -24.53 4.56
N THR A 411 20.41 -23.22 4.42
CA THR A 411 20.48 -22.57 3.11
C THR A 411 21.73 -21.69 2.95
N LYS A 412 22.22 -21.56 1.74
CA LYS A 412 23.31 -20.62 1.40
C LYS A 412 22.81 -19.19 1.31
N ARG A 413 21.61 -18.98 0.86
CA ARG A 413 20.98 -17.66 0.79
C ARG A 413 20.51 -17.28 2.18
N LYS A 414 20.58 -16.04 2.57
CA LYS A 414 20.17 -15.61 3.88
C LYS A 414 19.29 -14.38 3.81
N THR A 415 18.37 -14.29 4.78
CA THR A 415 17.65 -13.07 5.14
C THR A 415 17.74 -12.93 6.67
N LYS A 416 17.57 -11.69 7.13
CA LYS A 416 17.61 -11.41 8.55
C LYS A 416 16.21 -11.16 9.07
N CYS A 417 16.06 -11.21 10.38
CA CYS A 417 14.90 -10.71 11.09
C CYS A 417 15.34 -9.66 12.09
N VAL A 418 14.72 -8.49 12.03
CA VAL A 418 15.01 -7.41 12.98
C VAL A 418 13.68 -7.06 13.64
N MET A 419 13.72 -6.80 14.96
CA MET A 419 12.55 -6.41 15.73
C MET A 419 12.94 -5.27 16.71
N LYS A 420 12.02 -4.32 16.87
CA LYS A 420 12.17 -3.23 17.83
C LYS A 420 10.84 -3.00 18.52
N MET A 421 10.88 -2.92 19.84
CA MET A 421 9.82 -2.53 20.71
C MET A 421 10.16 -1.15 21.32
N VAL A 422 9.23 -0.22 21.19
CA VAL A 422 9.42 1.15 21.75
C VAL A 422 8.49 1.28 22.92
N CYS A 423 9.05 1.56 24.15
CA CYS A 423 8.27 1.64 25.35
C CYS A 423 8.36 3.04 25.99
N ALA A 424 7.26 3.46 26.60
CA ALA A 424 7.13 4.78 27.19
C ALA A 424 6.74 4.71 28.68
N ASN A 425 7.37 5.64 29.44
CA ASN A 425 7.10 5.86 30.85
C ASN A 425 7.50 4.72 31.74
N LYS A 426 7.30 4.93 33.05
CA LYS A 426 7.81 3.97 34.00
C LYS A 426 7.17 2.60 33.78
N GLU A 427 5.89 2.55 33.38
CA GLU A 427 5.26 1.26 33.18
C GLU A 427 5.71 0.60 31.88
N GLU A 428 6.48 1.26 31.02
CA GLU A 428 6.94 0.72 29.75
C GLU A 428 5.76 0.28 28.88
N LYS A 429 4.82 1.20 28.73
CA LYS A 429 3.74 1.03 27.76
C LYS A 429 4.32 0.80 26.38
N VAL A 430 3.84 -0.21 25.66
CA VAL A 430 4.36 -0.47 24.31
C VAL A 430 3.68 0.47 23.35
N VAL A 431 4.46 1.46 22.87
CA VAL A 431 3.91 2.47 22.01
C VAL A 431 4.31 2.29 20.54
N GLY A 432 5.21 1.37 20.23
CA GLY A 432 5.57 1.05 18.84
C GLY A 432 6.15 -0.35 18.75
N ILE A 433 5.85 -1.05 17.67
CA ILE A 433 6.46 -2.33 17.30
C ILE A 433 6.82 -2.25 15.84
N HIS A 434 8.08 -2.62 15.53
CA HIS A 434 8.64 -2.52 14.18
C HIS A 434 9.43 -3.76 13.87
N MET A 435 9.17 -4.38 12.71
CA MET A 435 9.90 -5.64 12.40
C MET A 435 9.98 -5.83 10.90
N GLN A 436 11.01 -6.58 10.51
CA GLN A 436 11.14 -7.12 9.14
C GLN A 436 11.68 -8.52 9.25
N GLY A 437 11.08 -9.46 8.51
CA GLY A 437 11.52 -10.85 8.59
C GLY A 437 10.50 -11.81 8.06
N LEU A 438 10.91 -13.03 7.78
CA LEU A 438 10.01 -14.10 7.37
C LEU A 438 8.86 -14.21 8.39
N GLY A 439 7.63 -14.24 7.87
CA GLY A 439 6.45 -14.38 8.74
C GLY A 439 5.88 -13.07 9.25
N CYS A 440 6.57 -11.94 9.08
CA CYS A 440 6.13 -10.74 9.73
C CYS A 440 4.79 -10.24 9.18
N ASP A 441 4.46 -10.61 7.94
CA ASP A 441 3.18 -10.24 7.39
C ASP A 441 1.97 -10.79 8.18
N GLU A 442 2.09 -12.02 8.67
CA GLU A 442 1.01 -12.68 9.43
C GLU A 442 1.16 -12.50 10.93
N MET A 443 2.32 -12.06 11.40
CA MET A 443 2.62 -11.93 12.82
C MET A 443 2.06 -10.71 13.47
N LEU A 444 1.90 -9.64 12.72
CA LEU A 444 1.64 -8.32 13.28
C LEU A 444 0.25 -8.15 13.85
N GLN A 445 -0.79 -8.72 13.25
CA GLN A 445 -2.17 -8.37 13.61
C GLN A 445 -2.45 -8.54 15.10
N GLY A 446 -2.03 -9.68 15.65
CA GLY A 446 -2.34 -9.87 17.06
C GLY A 446 -1.62 -8.94 17.99
N PHE A 447 -0.38 -8.60 17.63
CA PHE A 447 0.41 -7.60 18.40
C PHE A 447 -0.25 -6.24 18.33
N ALA A 448 -0.87 -5.94 17.20
CA ALA A 448 -1.62 -4.67 17.06
C ALA A 448 -2.83 -4.64 18.00
N VAL A 449 -3.52 -5.77 18.19
CA VAL A 449 -4.60 -5.77 19.18
C VAL A 449 -4.06 -5.44 20.56
N ALA A 450 -2.93 -6.02 20.94
CA ALA A 450 -2.33 -5.77 22.26
C ALA A 450 -1.93 -4.31 22.39
N VAL A 451 -1.31 -3.73 21.40
CA VAL A 451 -0.94 -2.33 21.45
C VAL A 451 -2.14 -1.43 21.59
N LYS A 452 -3.21 -1.72 20.86
CA LYS A 452 -4.45 -0.93 20.93
C LYS A 452 -5.03 -1.01 22.32
N MET A 453 -4.88 -2.12 23.02
CA MET A 453 -5.32 -2.26 24.40
C MET A 453 -4.42 -1.64 25.44
N GLY A 454 -3.32 -1.05 25.06
CA GLY A 454 -2.39 -0.40 25.97
C GLY A 454 -1.47 -1.36 26.66
N ALA A 455 -1.09 -2.44 26.03
CA ALA A 455 -0.12 -3.39 26.56
C ALA A 455 1.15 -2.72 27.06
N THR A 456 1.68 -3.24 28.14
CA THR A 456 3.01 -2.88 28.65
C THR A 456 3.98 -4.00 28.33
N LYS A 457 5.27 -3.68 28.53
CA LYS A 457 6.28 -4.71 28.34
C LYS A 457 5.99 -5.88 29.25
N ALA A 458 5.48 -5.67 30.46
CA ALA A 458 5.17 -6.76 31.38
C ALA A 458 4.07 -7.65 30.77
N ASP A 459 3.10 -7.11 30.06
CA ASP A 459 2.07 -7.92 29.43
C ASP A 459 2.68 -8.87 28.39
N PHE A 460 3.68 -8.38 27.64
CA PHE A 460 4.37 -9.22 26.66
C PHE A 460 5.18 -10.28 27.40
N ASP A 461 5.90 -9.84 28.43
N ASP A 461 5.89 -9.88 28.44
CA ASP A 461 6.70 -10.63 29.35
CA ASP A 461 6.75 -10.89 29.05
C ASP A 461 5.90 -11.84 29.85
C ASP A 461 5.90 -11.85 29.87
N ASN A 462 4.68 -11.54 30.24
CA ASN A 462 3.78 -12.49 30.93
C ASN A 462 3.13 -13.49 29.97
N THR A 463 3.38 -13.36 28.68
CA THR A 463 2.77 -14.27 27.71
C THR A 463 3.82 -15.33 27.35
N VAL A 464 3.46 -16.61 27.57
CA VAL A 464 4.36 -17.70 27.24
C VAL A 464 4.64 -17.76 25.74
N ALA A 465 5.88 -18.01 25.36
CA ALA A 465 6.33 -18.10 23.99
C ALA A 465 5.77 -19.33 23.29
N ILE A 466 5.79 -19.27 21.97
CA ILE A 466 5.54 -20.41 21.08
C ILE A 466 6.86 -20.73 20.38
N HIS A 467 7.32 -21.96 20.50
CA HIS A 467 8.61 -22.39 19.99
C HIS A 467 8.47 -23.51 19.01
N PRO A 468 9.31 -23.64 17.97
CA PRO A 468 10.26 -22.62 17.48
C PRO A 468 9.56 -21.77 16.48
N THR A 469 9.52 -20.45 16.73
CA THR A 469 8.96 -19.50 15.78
C THR A 469 9.84 -18.24 15.77
N SER A 470 9.67 -17.38 14.80
CA SER A 470 10.24 -16.05 14.93
C SER A 470 9.43 -15.18 15.90
N SER A 471 8.10 -15.35 15.92
CA SER A 471 7.23 -14.48 16.71
C SER A 471 7.55 -14.48 18.21
N GLU A 472 8.08 -15.59 18.71
CA GLU A 472 8.40 -15.67 20.14
C GLU A 472 9.44 -14.65 20.52
N GLU A 473 10.28 -14.20 19.58
CA GLU A 473 11.33 -13.23 19.97
C GLU A 473 10.72 -11.95 20.48
N LEU A 474 9.51 -11.59 20.08
CA LEU A 474 8.90 -10.34 20.54
C LEU A 474 8.42 -10.41 21.98
N VAL A 475 8.22 -11.60 22.52
CA VAL A 475 7.82 -11.78 23.91
C VAL A 475 8.98 -12.17 24.77
N THR A 476 10.20 -12.18 24.25
CA THR A 476 11.37 -12.55 25.08
C THR A 476 12.49 -11.52 24.92
N LEU A 477 12.23 -10.27 24.57
CA LEU A 477 13.24 -9.22 24.53
C LEU A 477 13.67 -8.84 25.95
N ARG A 478 14.92 -8.53 26.18
CA ARG A 478 15.42 -8.11 27.48
C ARG A 478 16.41 -6.94 27.32
#